data_4KVF
#
_entry.id   4KVF
#
_cell.length_a   71.274
_cell.length_b   78.451
_cell.length_c   49.705
_cell.angle_alpha   90.00
_cell.angle_beta   90.00
_cell.angle_gamma   90.00
#
_symmetry.space_group_name_H-M   'P 21 21 2'
#
loop_
_entity.id
_entity.type
_entity.pdbx_description
1 polymer 'Rhamnose ABC transporter, periplasmic rhamnose-binding protein'
2 non-polymer GLYCEROL
3 water water
#
_entity_poly.entity_id   1
_entity_poly.type   'polypeptide(L)'
_entity_poly.pdbx_seq_one_letter_code
;SNAACGGGTTKESTANDATAAPSATTSAAADPNAPLKEGLKIAYLPKQLNNPYTDVEVGGGKVAVGEIKGEYKLVGPNDA
SASSQVSYINTLIQQQQDVIVVAANDPNAVCPSLNQARKADIKVVTFDSDAAKTCRDAFINQATTQGIGESLVK(MSE)A
KELAGGSGEIAVLSATPNATNQNSWIEV(MSE)KTELAKPENAKLKLVKIAYGNDDDQKSFTEAQGLLQSYPNLKVIVSP
TTVGIAAASRYVSASSYKGKVAITGLGLPNQ(MSE)RQYVKDGTVKKFALWNPADIGYLAAYAGAALKSGQITGAQGEKF
KAGKLGEYTVGAAGEIVLGPPTEFTAANIDQFNF
;
_entity_poly.pdbx_strand_id   A
#
loop_
_chem_comp.id
_chem_comp.type
_chem_comp.name
_chem_comp.formula
GOL non-polymer GLYCEROL 'C3 H8 O3'
#
# COMPACT_ATOMS: atom_id res chain seq x y z
N ALA A 29 -15.46 -3.40 -25.45
CA ALA A 29 -16.92 -3.39 -25.44
C ALA A 29 -17.49 -3.14 -24.05
N ALA A 30 -16.85 -2.25 -23.31
CA ALA A 30 -17.34 -1.85 -22.00
C ALA A 30 -18.65 -1.07 -22.14
N ASP A 31 -19.61 -1.37 -21.27
CA ASP A 31 -20.90 -0.66 -21.26
C ASP A 31 -21.02 0.07 -19.92
N PRO A 32 -20.63 1.35 -19.88
CA PRO A 32 -20.61 2.12 -18.64
C PRO A 32 -21.99 2.23 -18.00
N ASN A 33 -23.02 2.08 -18.82
CA ASN A 33 -24.39 2.19 -18.36
C ASN A 33 -25.00 0.86 -17.91
N ALA A 34 -24.21 -0.21 -17.95
CA ALA A 34 -24.68 -1.50 -17.46
C ALA A 34 -24.82 -1.43 -15.94
N PRO A 35 -25.94 -1.96 -15.41
CA PRO A 35 -26.12 -1.93 -13.95
C PRO A 35 -25.22 -2.93 -13.22
N LEU A 36 -24.70 -2.54 -12.07
CA LEU A 36 -23.95 -3.47 -11.23
C LEU A 36 -24.91 -4.57 -10.81
N LYS A 37 -24.51 -5.81 -11.02
CA LYS A 37 -25.33 -6.98 -10.68
C LYS A 37 -25.37 -7.21 -9.17
N GLU A 38 -26.54 -7.61 -8.66
CA GLU A 38 -26.66 -8.02 -7.27
C GLU A 38 -26.31 -9.51 -7.11
N GLY A 39 -26.02 -9.93 -5.89
CA GLY A 39 -25.80 -11.34 -5.60
C GLY A 39 -24.47 -11.91 -6.08
N LEU A 40 -23.53 -11.04 -6.43
CA LEU A 40 -22.21 -11.50 -6.86
C LEU A 40 -21.45 -12.15 -5.71
N LYS A 41 -20.85 -13.31 -5.98
CA LYS A 41 -20.03 -13.98 -4.99
C LYS A 41 -18.59 -13.49 -5.14
N ILE A 42 -18.12 -12.73 -4.16
CA ILE A 42 -16.81 -12.11 -4.25
C ILE A 42 -15.94 -12.62 -3.11
N ALA A 43 -14.83 -13.28 -3.46
CA ALA A 43 -14.00 -13.92 -2.46
C ALA A 43 -12.63 -13.24 -2.39
N TYR A 44 -12.09 -13.14 -1.18
CA TYR A 44 -10.81 -12.49 -0.93
C TYR A 44 -9.77 -13.51 -0.48
N LEU A 45 -8.59 -13.43 -1.10
CA LEU A 45 -7.45 -14.30 -0.77
C LEU A 45 -6.24 -13.40 -0.54
N PRO A 46 -6.07 -12.95 0.70
CA PRO A 46 -4.90 -12.14 1.05
C PRO A 46 -3.64 -13.02 1.13
N LYS A 47 -2.48 -12.40 1.35
CA LYS A 47 -1.26 -13.16 1.51
C LYS A 47 -1.27 -14.04 2.77
N GLN A 48 -1.76 -13.47 3.87
CA GLN A 48 -1.91 -14.22 5.12
C GLN A 48 -3.14 -13.77 5.89
N LEU A 49 -3.93 -14.73 6.34
CA LEU A 49 -5.08 -14.44 7.20
C LEU A 49 -4.63 -14.07 8.60
N ASN A 50 -5.47 -13.34 9.33
CA ASN A 50 -5.31 -13.14 10.77
C ASN A 50 -4.12 -12.31 11.23
N ASN A 51 -3.93 -11.15 10.62
CA ASN A 51 -3.09 -10.09 11.16
C ASN A 51 -3.87 -8.78 11.03
N PRO A 52 -3.61 -7.80 11.92
CA PRO A 52 -4.46 -6.60 11.97
C PRO A 52 -4.57 -5.84 10.66
N TYR A 53 -3.45 -5.69 9.95
CA TYR A 53 -3.45 -5.00 8.66
C TYR A 53 -4.38 -5.70 7.67
N THR A 54 -4.19 -7.01 7.52
CA THR A 54 -4.99 -7.78 6.56
C THR A 54 -6.49 -7.78 6.91
N ASP A 55 -6.78 -7.87 8.20
CA ASP A 55 -8.17 -7.83 8.67
C ASP A 55 -8.88 -6.53 8.25
N VAL A 56 -8.19 -5.40 8.39
CA VAL A 56 -8.75 -4.11 8.00
C VAL A 56 -8.94 -4.07 6.49
N GLU A 57 -7.97 -4.67 5.79
CA GLU A 57 -7.96 -4.71 4.33
C GLU A 57 -9.15 -5.46 3.76
N VAL A 58 -9.30 -6.73 4.13
CA VAL A 58 -10.40 -7.51 3.60
C VAL A 58 -11.74 -7.06 4.19
N GLY A 59 -11.70 -6.42 5.35
CA GLY A 59 -12.87 -5.90 6.01
C GLY A 59 -13.52 -4.80 5.20
N GLY A 60 -12.68 -4.07 4.46
CA GLY A 60 -13.17 -3.05 3.56
C GLY A 60 -13.89 -3.69 2.39
N GLY A 61 -13.40 -4.84 1.94
CA GLY A 61 -14.06 -5.58 0.89
C GLY A 61 -15.43 -6.06 1.35
N LYS A 62 -15.49 -6.53 2.60
CA LYS A 62 -16.75 -6.99 3.17
C LYS A 62 -17.81 -5.88 3.17
N VAL A 63 -17.38 -4.65 3.44
CA VAL A 63 -18.31 -3.53 3.45
C VAL A 63 -18.85 -3.26 2.05
N ALA A 64 -17.95 -3.17 1.07
CA ALA A 64 -18.31 -2.91 -0.32
C ALA A 64 -19.23 -4.00 -0.87
N VAL A 65 -18.91 -5.25 -0.56
CA VAL A 65 -19.73 -6.37 -1.03
C VAL A 65 -21.15 -6.27 -0.47
N GLY A 66 -21.28 -5.88 0.80
CA GLY A 66 -22.58 -5.70 1.39
C GLY A 66 -23.34 -4.57 0.73
N GLU A 67 -22.62 -3.53 0.33
CA GLU A 67 -23.24 -2.39 -0.32
C GLU A 67 -23.89 -2.75 -1.66
N ILE A 68 -23.24 -3.62 -2.42
CA ILE A 68 -23.75 -4.02 -3.72
C ILE A 68 -24.56 -5.32 -3.62
N LYS A 69 -24.91 -5.67 -2.39
CA LYS A 69 -25.77 -6.82 -2.10
C LYS A 69 -25.20 -8.14 -2.63
N GLY A 70 -23.89 -8.28 -2.57
CA GLY A 70 -23.21 -9.50 -2.99
C GLY A 70 -22.99 -10.42 -1.82
N GLU A 71 -22.21 -11.49 -2.02
CA GLU A 71 -21.88 -12.43 -0.97
C GLU A 71 -20.37 -12.43 -0.75
N TYR A 72 -19.93 -12.18 0.48
CA TYR A 72 -18.50 -12.08 0.78
C TYR A 72 -17.91 -13.38 1.32
N LYS A 73 -16.74 -13.76 0.82
CA LYS A 73 -16.03 -14.91 1.36
C LYS A 73 -14.54 -14.56 1.57
N LEU A 74 -13.98 -15.06 2.67
CA LEU A 74 -12.56 -14.87 2.96
C LEU A 74 -11.93 -16.24 3.12
N VAL A 75 -10.86 -16.49 2.37
CA VAL A 75 -10.08 -17.72 2.51
C VAL A 75 -8.60 -17.36 2.54
N GLY A 76 -7.76 -18.29 2.96
CA GLY A 76 -6.32 -18.08 2.91
C GLY A 76 -5.53 -18.85 3.94
N PRO A 77 -4.21 -18.94 3.72
CA PRO A 77 -3.32 -19.68 4.62
C PRO A 77 -3.14 -18.89 5.89
N ASN A 78 -2.81 -19.54 7.00
CA ASN A 78 -2.44 -18.77 8.17
C ASN A 78 -0.93 -18.78 8.41
N ASP A 79 -0.52 -18.08 9.46
CA ASP A 79 0.87 -17.93 9.85
C ASP A 79 1.67 -19.22 9.71
N ALA A 80 1.19 -20.27 10.38
CA ALA A 80 1.83 -21.57 10.29
C ALA A 80 1.05 -22.52 9.39
N SER A 81 0.74 -22.03 8.20
CA SER A 81 0.28 -22.87 7.11
C SER A 81 1.39 -22.96 6.09
N ALA A 82 1.49 -24.09 5.39
CA ALA A 82 2.45 -24.25 4.32
C ALA A 82 1.69 -24.47 3.01
N SER A 83 0.38 -24.21 3.05
CA SER A 83 -0.45 -24.37 1.87
C SER A 83 -0.14 -23.27 0.87
N SER A 84 -0.14 -23.64 -0.41
CA SER A 84 0.07 -22.69 -1.49
C SER A 84 -1.17 -21.85 -1.77
N GLN A 85 -0.99 -20.67 -2.32
CA GLN A 85 -2.12 -19.88 -2.76
C GLN A 85 -2.90 -20.58 -3.86
N VAL A 86 -2.22 -21.39 -4.66
CA VAL A 86 -2.88 -22.13 -5.73
C VAL A 86 -4.01 -23.03 -5.19
N SER A 87 -3.77 -23.68 -4.05
CA SER A 87 -4.77 -24.57 -3.46
C SER A 87 -6.04 -23.79 -3.14
N TYR A 88 -5.86 -22.57 -2.64
CA TYR A 88 -7.00 -21.71 -2.32
C TYR A 88 -7.72 -21.21 -3.57
N ILE A 89 -6.96 -20.81 -4.59
CA ILE A 89 -7.57 -20.35 -5.84
C ILE A 89 -8.42 -21.47 -6.45
N ASN A 90 -7.89 -22.68 -6.42
CA ASN A 90 -8.59 -23.84 -6.98
C ASN A 90 -9.88 -24.10 -6.23
N THR A 91 -9.84 -23.92 -4.91
CA THR A 91 -11.05 -24.05 -4.11
C THR A 91 -12.09 -23.01 -4.52
N LEU A 92 -11.66 -21.76 -4.68
CA LEU A 92 -12.60 -20.71 -5.04
C LEU A 92 -13.24 -20.95 -6.41
N ILE A 93 -12.46 -21.51 -7.33
CA ILE A 93 -13.00 -21.91 -8.63
C ILE A 93 -14.10 -22.95 -8.50
N GLN A 94 -13.84 -24.02 -7.76
CA GLN A 94 -14.83 -25.06 -7.57
C GLN A 94 -16.09 -24.56 -6.85
N GLN A 95 -15.95 -23.54 -6.01
CA GLN A 95 -17.09 -22.96 -5.30
C GLN A 95 -17.86 -21.96 -6.17
N GLN A 96 -17.34 -21.72 -7.37
CA GLN A 96 -17.99 -20.88 -8.38
C GLN A 96 -18.22 -19.45 -7.92
N GLN A 97 -17.16 -18.86 -7.38
CA GLN A 97 -17.14 -17.43 -7.11
C GLN A 97 -17.26 -16.67 -8.42
N ASP A 98 -17.80 -15.45 -8.36
CA ASP A 98 -17.92 -14.61 -9.55
C ASP A 98 -16.67 -13.75 -9.72
N VAL A 99 -16.06 -13.39 -8.60
CA VAL A 99 -14.86 -12.55 -8.57
C VAL A 99 -13.91 -13.12 -7.53
N ILE A 100 -12.65 -13.26 -7.92
CA ILE A 100 -11.58 -13.61 -6.99
C ILE A 100 -10.66 -12.40 -6.82
N VAL A 101 -10.54 -11.93 -5.58
CA VAL A 101 -9.65 -10.83 -5.25
C VAL A 101 -8.45 -11.40 -4.50
N VAL A 102 -7.27 -11.30 -5.10
CA VAL A 102 -6.12 -12.03 -4.57
C VAL A 102 -4.85 -11.19 -4.51
N ALA A 103 -4.11 -11.33 -3.42
CA ALA A 103 -2.80 -10.69 -3.30
C ALA A 103 -1.77 -11.77 -3.61
N ALA A 104 -1.23 -11.74 -4.83
CA ALA A 104 -0.33 -12.79 -5.29
C ALA A 104 1.04 -12.77 -4.63
N ASN A 105 1.44 -13.88 -4.01
CA ASN A 105 2.77 -13.98 -3.42
C ASN A 105 3.86 -14.09 -4.46
N ASP A 106 3.53 -14.77 -5.56
CA ASP A 106 4.42 -14.91 -6.70
C ASP A 106 3.63 -14.53 -7.94
N PRO A 107 4.19 -13.71 -8.83
CA PRO A 107 3.42 -13.24 -9.98
C PRO A 107 3.03 -14.34 -10.97
N ASN A 108 3.81 -15.42 -11.03
CA ASN A 108 3.56 -16.44 -12.06
C ASN A 108 2.99 -17.77 -11.60
N ALA A 109 3.25 -18.16 -10.35
CA ALA A 109 2.80 -19.47 -9.85
C ALA A 109 1.28 -19.59 -9.86
N VAL A 110 0.61 -18.46 -9.72
CA VAL A 110 -0.84 -18.40 -9.67
C VAL A 110 -1.48 -18.32 -11.06
N CYS A 111 -0.67 -18.13 -12.09
CA CYS A 111 -1.21 -17.91 -13.44
C CYS A 111 -2.10 -19.02 -13.99
N PRO A 112 -1.65 -20.28 -13.94
CA PRO A 112 -2.48 -21.34 -14.51
C PRO A 112 -3.87 -21.41 -13.87
N SER A 113 -3.94 -21.38 -12.56
CA SER A 113 -5.24 -21.46 -11.87
C SER A 113 -6.06 -20.19 -12.06
N LEU A 114 -5.42 -19.02 -11.98
CA LEU A 114 -6.15 -17.77 -12.24
C LEU A 114 -6.73 -17.74 -13.65
N ASN A 115 -5.97 -18.21 -14.63
CA ASN A 115 -6.48 -18.19 -16.00
C ASN A 115 -7.55 -19.27 -16.21
N GLN A 116 -7.47 -20.33 -15.44
CA GLN A 116 -8.53 -21.32 -15.43
C GLN A 116 -9.81 -20.68 -14.91
N ALA A 117 -9.68 -19.85 -13.86
CA ALA A 117 -10.82 -19.13 -13.31
C ALA A 117 -11.41 -18.20 -14.36
N ARG A 118 -10.56 -17.44 -15.02
CA ARG A 118 -11.04 -16.49 -16.03
C ARG A 118 -11.73 -17.18 -17.21
N LYS A 119 -11.24 -18.36 -17.60
CA LYS A 119 -11.90 -19.17 -18.62
C LYS A 119 -13.31 -19.57 -18.19
N ALA A 120 -13.53 -19.66 -16.88
CA ALA A 120 -14.83 -19.99 -16.32
C ALA A 120 -15.68 -18.73 -16.08
N ASP A 121 -15.22 -17.61 -16.63
CA ASP A 121 -15.88 -16.29 -16.54
C ASP A 121 -15.86 -15.70 -15.13
N ILE A 122 -14.91 -16.17 -14.33
CA ILE A 122 -14.68 -15.57 -13.04
C ILE A 122 -13.76 -14.38 -13.28
N LYS A 123 -14.09 -13.21 -12.74
CA LYS A 123 -13.18 -12.07 -12.85
C LYS A 123 -12.10 -12.09 -11.77
N VAL A 124 -10.88 -11.74 -12.15
CA VAL A 124 -9.76 -11.80 -11.24
C VAL A 124 -9.15 -10.42 -11.04
N VAL A 125 -9.19 -9.96 -9.81
CA VAL A 125 -8.62 -8.67 -9.42
C VAL A 125 -7.50 -8.92 -8.41
N THR A 126 -6.29 -8.54 -8.76
CA THR A 126 -5.21 -8.65 -7.80
C THR A 126 -5.16 -7.39 -6.95
N PHE A 127 -4.52 -7.49 -5.80
CA PHE A 127 -4.35 -6.33 -4.92
C PHE A 127 -3.09 -6.47 -4.11
N ASP A 128 -2.52 -5.33 -3.72
CA ASP A 128 -1.29 -5.28 -2.93
C ASP A 128 -0.08 -5.73 -3.75
N SER A 129 -0.05 -6.99 -4.15
CA SER A 129 0.99 -7.52 -5.01
C SER A 129 0.35 -8.13 -6.24
N ASP A 130 0.88 -7.78 -7.40
CA ASP A 130 0.23 -8.12 -8.66
C ASP A 130 0.70 -9.48 -9.19
N ALA A 131 -0.13 -10.07 -10.06
CA ALA A 131 0.28 -11.27 -10.80
C ALA A 131 0.77 -10.81 -12.18
N ALA A 132 1.31 -11.74 -12.97
CA ALA A 132 1.70 -11.40 -14.34
C ALA A 132 0.49 -10.78 -15.04
N LYS A 133 0.74 -9.81 -15.91
CA LYS A 133 -0.34 -8.99 -16.46
C LYS A 133 -1.41 -9.81 -17.21
N THR A 134 -1.00 -10.95 -17.73
CA THR A 134 -1.88 -11.81 -18.52
C THR A 134 -2.68 -12.82 -17.70
N CYS A 135 -2.69 -12.67 -16.38
CA CYS A 135 -3.33 -13.63 -15.49
C CYS A 135 -4.35 -12.97 -14.56
N ARG A 136 -4.67 -11.71 -14.82
CA ARG A 136 -5.73 -11.06 -14.07
C ARG A 136 -6.39 -9.95 -14.90
N ASP A 137 -7.62 -9.58 -14.54
CA ASP A 137 -8.33 -8.54 -15.28
C ASP A 137 -7.97 -7.14 -14.84
N ALA A 138 -7.67 -6.97 -13.55
CA ALA A 138 -7.27 -5.67 -13.02
C ALA A 138 -6.44 -5.85 -11.76
N PHE A 139 -5.65 -4.82 -11.46
CA PHE A 139 -4.80 -4.81 -10.28
C PHE A 139 -5.06 -3.57 -9.46
N ILE A 140 -5.42 -3.74 -8.19
CA ILE A 140 -5.61 -2.58 -7.33
C ILE A 140 -4.30 -2.23 -6.64
N ASN A 141 -3.72 -1.10 -7.03
CA ASN A 141 -2.47 -0.63 -6.47
C ASN A 141 -2.72 0.49 -5.45
N GLN A 142 -2.29 0.26 -4.21
CA GLN A 142 -2.63 1.19 -3.13
C GLN A 142 -2.01 2.55 -3.34
N ALA A 143 -0.86 2.58 -3.99
CA ALA A 143 -0.20 3.84 -4.32
C ALA A 143 0.95 3.49 -5.24
N THR A 144 1.20 4.35 -6.22
CA THR A 144 2.28 4.09 -7.17
C THR A 144 3.62 4.38 -6.51
N THR A 145 4.70 3.86 -7.09
CA THR A 145 6.01 4.18 -6.55
C THR A 145 6.30 5.66 -6.75
N GLN A 146 5.80 6.23 -7.84
CA GLN A 146 5.94 7.67 -8.09
C GLN A 146 5.22 8.43 -6.98
N GLY A 147 4.00 7.98 -6.68
CA GLY A 147 3.20 8.64 -5.65
C GLY A 147 3.90 8.61 -4.30
N ILE A 148 4.46 7.46 -3.98
CA ILE A 148 5.09 7.28 -2.68
C ILE A 148 6.36 8.14 -2.61
N GLY A 149 7.20 8.07 -3.64
CA GLY A 149 8.42 8.83 -3.67
C GLY A 149 8.22 10.35 -3.64
N GLU A 150 7.22 10.81 -4.37
CA GLU A 150 6.86 12.24 -4.36
C GLU A 150 6.44 12.67 -2.97
N SER A 151 5.59 11.86 -2.35
CA SER A 151 5.08 12.19 -1.03
C SER A 151 6.20 12.26 0.01
N LEU A 152 7.14 11.31 -0.07
CA LEU A 152 8.26 11.31 0.86
C LEU A 152 9.09 12.58 0.71
N VAL A 153 9.38 12.98 -0.53
CA VAL A 153 10.16 14.19 -0.73
C VAL A 153 9.40 15.45 -0.34
N LYS A 154 8.10 15.47 -0.67
CA LYS A 154 7.25 16.61 -0.33
C LYS A 154 7.18 16.80 1.19
N MSE A 155 6.98 15.71 1.93
CA MSE A 155 6.97 15.80 3.39
C MSE A 155 8.33 16.21 3.94
O MSE A 155 8.42 17.06 4.84
CB MSE A 155 6.48 14.49 4.03
CG MSE A 155 5.01 14.19 3.72
SE MSE A 155 4.34 12.60 4.62
CE MSE A 155 5.61 11.29 3.92
N ALA A 156 9.39 15.61 3.41
CA ALA A 156 10.75 15.97 3.86
C ALA A 156 11.03 17.46 3.65
N LYS A 157 10.62 17.99 2.50
CA LYS A 157 10.86 19.38 2.16
C LYS A 157 10.14 20.33 3.12
N GLU A 158 8.88 20.03 3.41
CA GLU A 158 8.11 20.82 4.37
C GLU A 158 8.78 20.82 5.74
N LEU A 159 9.10 19.62 6.23
CA LEU A 159 9.67 19.48 7.57
C LEU A 159 11.04 20.15 7.68
N ALA A 160 11.76 20.21 6.57
CA ALA A 160 13.09 20.84 6.55
C ALA A 160 13.00 22.33 6.31
N GLY A 161 11.78 22.84 6.16
CA GLY A 161 11.58 24.25 5.89
C GLY A 161 12.16 24.67 4.54
N GLY A 162 12.08 23.77 3.56
CA GLY A 162 12.49 24.09 2.20
C GLY A 162 13.93 23.79 1.83
N SER A 163 14.78 23.56 2.82
CA SER A 163 16.20 23.32 2.53
C SER A 163 16.92 22.58 3.65
N GLY A 164 18.05 21.96 3.31
CA GLY A 164 18.89 21.33 4.32
C GLY A 164 19.12 19.87 4.05
N GLU A 165 19.83 19.21 4.95
CA GLU A 165 20.17 17.81 4.75
C GLU A 165 19.06 16.85 5.18
N ILE A 166 18.88 15.80 4.39
CA ILE A 166 17.99 14.72 4.75
C ILE A 166 18.71 13.40 4.57
N ALA A 167 18.28 12.36 5.28
CA ALA A 167 18.88 11.03 5.16
C ALA A 167 17.75 10.03 5.12
N VAL A 168 17.99 8.90 4.49
CA VAL A 168 16.97 7.85 4.44
C VAL A 168 17.41 6.70 5.36
N LEU A 169 16.47 6.20 6.14
CA LEU A 169 16.65 4.95 6.88
C LEU A 169 15.77 3.89 6.22
N SER A 170 16.41 3.00 5.47
CA SER A 170 15.68 2.05 4.65
C SER A 170 15.54 0.70 5.33
N ALA A 171 15.06 -0.28 4.56
CA ALA A 171 15.01 -1.66 5.01
C ALA A 171 16.35 -2.31 4.68
N THR A 172 16.33 -3.43 3.95
CA THR A 172 17.58 -4.09 3.57
C THR A 172 18.15 -3.47 2.30
N PRO A 173 19.45 -3.66 2.06
CA PRO A 173 20.04 -3.19 0.79
C PRO A 173 19.32 -3.69 -0.47
N ASN A 174 18.83 -4.92 -0.46
CA ASN A 174 18.17 -5.48 -1.64
C ASN A 174 16.65 -5.35 -1.65
N ALA A 175 16.09 -4.58 -0.72
CA ALA A 175 14.65 -4.45 -0.61
C ALA A 175 14.06 -3.81 -1.88
N THR A 176 13.26 -4.58 -2.60
CA THR A 176 12.73 -4.17 -3.88
C THR A 176 11.88 -2.90 -3.79
N ASN A 177 10.94 -2.89 -2.84
CA ASN A 177 10.04 -1.76 -2.69
C ASN A 177 10.77 -0.50 -2.26
N GLN A 178 11.57 -0.60 -1.20
CA GLN A 178 12.28 0.58 -0.72
C GLN A 178 13.23 1.10 -1.78
N ASN A 179 13.88 0.20 -2.51
CA ASN A 179 14.81 0.66 -3.53
C ASN A 179 14.10 1.40 -4.65
N SER A 180 12.87 0.99 -4.95
CA SER A 180 12.06 1.69 -5.95
C SER A 180 11.73 3.08 -5.45
N TRP A 181 11.23 3.15 -4.21
CA TRP A 181 10.82 4.42 -3.64
C TRP A 181 12.00 5.38 -3.54
N ILE A 182 13.17 4.86 -3.18
CA ILE A 182 14.35 5.70 -3.06
C ILE A 182 14.75 6.24 -4.43
N GLU A 183 14.65 5.42 -5.47
CA GLU A 183 14.97 5.88 -6.80
C GLU A 183 14.04 7.02 -7.21
N VAL A 184 12.76 6.91 -6.89
CA VAL A 184 11.84 8.00 -7.17
C VAL A 184 12.22 9.25 -6.38
N MSE A 185 12.56 9.08 -5.10
CA MSE A 185 13.04 10.20 -4.29
C MSE A 185 14.20 10.93 -4.95
O MSE A 185 14.24 12.16 -4.98
CB MSE A 185 13.46 9.72 -2.90
CG MSE A 185 12.33 9.28 -2.02
SE MSE A 185 13.00 8.87 -0.23
CE MSE A 185 13.52 10.66 0.30
N LYS A 186 15.17 10.16 -5.46
CA LYS A 186 16.31 10.76 -6.14
C LYS A 186 15.90 11.55 -7.39
N THR A 187 14.95 10.99 -8.16
CA THR A 187 14.51 11.67 -9.36
C THR A 187 13.83 12.97 -8.98
N GLU A 188 13.05 12.92 -7.90
CA GLU A 188 12.38 14.11 -7.37
C GLU A 188 13.37 15.16 -6.87
N LEU A 189 14.37 14.72 -6.11
CA LEU A 189 15.39 15.60 -5.59
C LEU A 189 16.21 16.30 -6.67
N ALA A 190 16.28 15.67 -7.85
CA ALA A 190 17.06 16.21 -8.96
C ALA A 190 16.34 17.32 -9.72
N LYS A 191 15.06 17.54 -9.40
CA LYS A 191 14.30 18.64 -9.99
C LYS A 191 14.81 19.96 -9.46
N PRO A 192 14.83 21.00 -10.32
CA PRO A 192 15.30 22.34 -9.96
C PRO A 192 14.71 22.87 -8.64
N GLU A 193 13.41 22.66 -8.42
CA GLU A 193 12.72 23.14 -7.22
C GLU A 193 13.16 22.47 -5.91
N ASN A 194 13.81 21.31 -6.02
CA ASN A 194 14.31 20.60 -4.84
C ASN A 194 15.83 20.69 -4.73
N ALA A 195 16.40 21.68 -5.42
CA ALA A 195 17.85 21.83 -5.47
C ALA A 195 18.52 22.08 -4.11
N LYS A 196 17.78 22.67 -3.16
CA LYS A 196 18.35 23.01 -1.86
C LYS A 196 18.26 21.90 -0.82
N LEU A 197 17.53 20.83 -1.15
CA LEU A 197 17.48 19.63 -0.31
C LEU A 197 18.59 18.70 -0.76
N LYS A 198 19.36 18.18 0.19
CA LYS A 198 20.47 17.29 -0.13
C LYS A 198 20.34 15.96 0.61
N LEU A 199 20.31 14.87 -0.15
CA LEU A 199 20.31 13.53 0.42
C LEU A 199 21.75 13.16 0.79
N VAL A 200 22.05 13.08 2.08
CA VAL A 200 23.45 12.90 2.51
C VAL A 200 23.85 11.45 2.75
N LYS A 201 22.87 10.60 2.99
CA LYS A 201 23.16 9.23 3.37
C LYS A 201 21.91 8.36 3.27
N ILE A 202 22.11 7.13 2.83
CA ILE A 202 21.10 6.09 2.99
C ILE A 202 21.64 5.04 3.93
N ALA A 203 20.92 4.81 5.03
CA ALA A 203 21.29 3.78 6.00
C ALA A 203 20.27 2.65 5.93
N TYR A 204 20.69 1.45 6.33
CA TYR A 204 19.82 0.29 6.25
C TYR A 204 19.52 -0.31 7.62
N GLY A 205 18.25 -0.35 7.98
CA GLY A 205 17.83 -0.91 9.25
C GLY A 205 17.33 -2.34 9.12
N ASN A 206 17.20 -2.81 7.89
CA ASN A 206 16.86 -4.21 7.60
C ASN A 206 15.50 -4.67 8.15
N ASP A 207 14.55 -3.73 8.27
CA ASP A 207 13.24 -4.03 8.86
C ASP A 207 13.34 -4.69 10.23
N ASP A 208 14.43 -4.42 10.93
CA ASP A 208 14.66 -4.91 12.28
C ASP A 208 14.60 -3.75 13.27
N ASP A 209 13.77 -3.89 14.30
CA ASP A 209 13.50 -2.84 15.28
C ASP A 209 14.79 -2.28 15.91
N GLN A 210 15.60 -3.17 16.46
CA GLN A 210 16.84 -2.79 17.13
C GLN A 210 17.89 -2.20 16.20
N LYS A 211 18.06 -2.78 15.02
CA LYS A 211 19.04 -2.25 14.08
C LYS A 211 18.58 -0.89 13.56
N SER A 212 17.29 -0.76 13.30
CA SER A 212 16.75 0.50 12.80
C SER A 212 16.97 1.60 13.85
N PHE A 213 16.79 1.22 15.10
CA PHE A 213 17.01 2.14 16.22
C PHE A 213 18.47 2.62 16.23
N THR A 214 19.40 1.67 16.20
CA THR A 214 20.82 2.02 16.21
C THR A 214 21.25 2.78 14.95
N GLU A 215 20.70 2.43 13.80
CA GLU A 215 21.04 3.16 12.58
C GLU A 215 20.52 4.60 12.61
N ALA A 216 19.38 4.82 13.26
CA ALA A 216 18.85 6.18 13.41
C ALA A 216 19.78 7.01 14.27
N GLN A 217 20.22 6.40 15.37
CA GLN A 217 21.19 7.00 16.27
C GLN A 217 22.45 7.35 15.50
N GLY A 218 22.90 6.43 14.66
CA GLY A 218 24.11 6.63 13.89
C GLY A 218 24.01 7.80 12.93
N LEU A 219 22.85 7.95 12.30
CA LEU A 219 22.66 9.05 11.35
C LEU A 219 22.78 10.40 12.05
N LEU A 220 22.15 10.50 13.21
CA LEU A 220 22.12 11.77 13.93
C LEU A 220 23.48 12.16 14.50
N GLN A 221 24.28 11.17 14.86
CA GLN A 221 25.63 11.44 15.37
C GLN A 221 26.57 11.81 14.24
N SER A 222 26.37 11.20 13.08
CA SER A 222 27.26 11.40 11.94
C SER A 222 26.96 12.70 11.18
N TYR A 223 25.69 13.12 11.17
CA TYR A 223 25.30 14.34 10.47
C TYR A 223 24.63 15.35 11.40
N PRO A 224 25.45 16.15 12.11
CA PRO A 224 24.95 17.13 13.09
C PRO A 224 23.98 18.17 12.51
N ASN A 225 24.01 18.35 11.19
CA ASN A 225 23.18 19.34 10.53
C ASN A 225 21.94 18.72 9.89
N LEU A 226 21.67 17.46 10.22
CA LEU A 226 20.54 16.73 9.65
C LEU A 226 19.20 17.35 10.05
N LYS A 227 18.33 17.56 9.07
CA LYS A 227 17.00 18.12 9.36
C LYS A 227 15.90 17.06 9.42
N VAL A 228 15.99 16.05 8.55
CA VAL A 228 14.92 15.07 8.44
C VAL A 228 15.50 13.68 8.22
N ILE A 229 14.98 12.70 8.95
CA ILE A 229 15.21 11.31 8.60
C ILE A 229 13.92 10.83 7.96
N VAL A 230 14.03 10.27 6.74
CA VAL A 230 12.88 9.72 6.03
C VAL A 230 13.02 8.20 6.05
N SER A 231 12.08 7.50 6.67
CA SER A 231 12.20 6.04 6.76
C SER A 231 11.00 5.37 6.11
N PRO A 232 11.17 4.90 4.86
CA PRO A 232 10.09 4.27 4.10
C PRO A 232 9.94 2.81 4.49
N THR A 233 9.78 2.57 5.78
CA THR A 233 9.54 1.23 6.31
C THR A 233 8.83 1.41 7.64
N THR A 234 7.78 0.64 7.90
CA THR A 234 7.03 0.82 9.13
C THR A 234 7.89 0.51 10.36
N VAL A 235 8.76 -0.48 10.23
CA VAL A 235 9.66 -0.83 11.32
C VAL A 235 10.63 0.30 11.56
N GLY A 236 11.16 0.85 10.47
CA GLY A 236 12.21 1.85 10.53
C GLY A 236 11.74 3.16 11.12
N ILE A 237 10.59 3.62 10.67
CA ILE A 237 10.11 4.92 11.14
C ILE A 237 9.75 4.85 12.63
N ALA A 238 9.21 3.71 13.06
CA ALA A 238 8.87 3.51 14.47
C ALA A 238 10.12 3.48 15.35
N ALA A 239 11.18 2.86 14.86
CA ALA A 239 12.42 2.76 15.61
C ALA A 239 13.14 4.11 15.66
N ALA A 240 13.13 4.83 14.55
CA ALA A 240 13.74 6.16 14.53
C ALA A 240 13.00 7.12 15.45
N SER A 241 11.67 7.06 15.43
CA SER A 241 10.85 7.90 16.28
C SER A 241 11.10 7.59 17.74
N ARG A 242 11.21 6.29 18.05
CA ARG A 242 11.45 5.88 19.42
C ARG A 242 12.81 6.40 19.90
N TYR A 243 13.81 6.39 19.02
CA TYR A 243 15.10 6.94 19.39
C TYR A 243 15.00 8.45 19.60
N VAL A 244 14.47 9.15 18.61
CA VAL A 244 14.38 10.61 18.68
C VAL A 244 13.55 11.08 19.87
N SER A 245 12.46 10.37 20.17
CA SER A 245 11.58 10.71 21.28
C SER A 245 12.30 10.73 22.62
N ALA A 246 13.28 9.84 22.78
CA ALA A 246 13.97 9.71 24.06
C ALA A 246 15.40 10.24 24.02
N SER A 247 15.68 11.10 23.05
CA SER A 247 17.02 11.66 22.89
C SER A 247 16.98 13.18 22.91
N SER A 248 18.16 13.79 22.80
CA SER A 248 18.30 15.24 22.79
C SER A 248 18.01 15.85 21.43
N TYR A 249 17.56 15.03 20.48
CA TYR A 249 17.24 15.51 19.14
C TYR A 249 15.74 15.76 18.99
N LYS A 250 15.00 15.46 20.05
CA LYS A 250 13.56 15.71 20.11
C LYS A 250 13.26 17.16 19.74
N GLY A 251 12.39 17.37 18.75
CA GLY A 251 12.07 18.70 18.29
C GLY A 251 13.13 19.32 17.39
N LYS A 252 14.33 18.75 17.41
CA LYS A 252 15.47 19.28 16.67
C LYS A 252 15.65 18.62 15.31
N VAL A 253 15.14 17.39 15.16
CA VAL A 253 15.15 16.71 13.87
C VAL A 253 13.76 16.14 13.61
N ALA A 254 13.32 16.19 12.35
CA ALA A 254 12.02 15.65 12.00
C ALA A 254 12.16 14.21 11.56
N ILE A 255 11.13 13.42 11.81
CA ILE A 255 11.08 12.04 11.34
C ILE A 255 9.84 11.87 10.49
N THR A 256 9.98 11.37 9.26
CA THR A 256 8.83 11.04 8.43
C THR A 256 9.08 9.72 7.70
N GLY A 257 8.20 9.33 6.79
CA GLY A 257 8.33 8.04 6.16
C GLY A 257 7.01 7.30 6.03
N LEU A 258 7.07 5.98 6.03
CA LEU A 258 5.88 5.15 5.85
C LEU A 258 5.65 4.38 7.13
N GLY A 259 4.51 4.63 7.78
CA GLY A 259 4.28 4.03 9.09
C GLY A 259 2.89 3.47 9.28
N LEU A 260 2.73 2.68 10.33
CA LEU A 260 1.43 2.14 10.72
C LEU A 260 0.82 3.02 11.81
N PRO A 261 -0.42 3.50 11.58
CA PRO A 261 -1.09 4.47 12.47
C PRO A 261 -1.14 4.08 13.96
N ASN A 262 -1.40 2.83 14.28
CA ASN A 262 -1.45 2.40 15.69
C ASN A 262 -0.07 2.40 16.36
N GLN A 263 0.94 2.01 15.60
CA GLN A 263 2.30 1.93 16.12
C GLN A 263 2.87 3.34 16.26
N MSE A 264 2.45 4.22 15.36
CA MSE A 264 2.96 5.59 15.27
C MSE A 264 2.21 6.59 16.14
O MSE A 264 2.70 7.70 16.38
CB MSE A 264 2.97 6.05 13.81
CG MSE A 264 3.99 5.32 12.95
SE MSE A 264 5.77 5.64 13.66
CE MSE A 264 5.78 7.55 13.28
N ARG A 265 1.02 6.22 16.60
CA ARG A 265 0.15 7.15 17.32
C ARG A 265 0.85 7.82 18.51
N GLN A 266 1.51 7.04 19.34
CA GLN A 266 2.18 7.60 20.52
C GLN A 266 3.24 8.64 20.16
N TYR A 267 3.85 8.48 18.99
CA TYR A 267 4.89 9.41 18.54
C TYR A 267 4.30 10.66 17.88
N VAL A 268 3.11 10.51 17.33
CA VAL A 268 2.38 11.65 16.80
C VAL A 268 1.81 12.49 17.95
N LYS A 269 1.17 11.82 18.90
CA LYS A 269 0.58 12.50 20.04
C LYS A 269 1.61 13.16 20.96
N ASP A 270 2.86 12.67 20.95
CA ASP A 270 3.88 13.28 21.81
C ASP A 270 4.74 14.34 21.09
N GLY A 271 4.46 14.56 19.81
CA GLY A 271 5.11 15.62 19.05
C GLY A 271 6.41 15.26 18.34
N THR A 272 6.78 13.98 18.39
CA THR A 272 8.02 13.55 17.74
C THR A 272 7.84 13.55 16.23
N VAL A 273 6.69 13.05 15.79
CA VAL A 273 6.38 12.97 14.37
C VAL A 273 5.18 13.85 14.06
N LYS A 274 5.33 14.70 13.05
CA LYS A 274 4.25 15.61 12.67
C LYS A 274 3.45 15.07 11.50
N LYS A 275 4.14 14.38 10.60
CA LYS A 275 3.52 13.90 9.38
C LYS A 275 4.22 12.63 8.93
N PHE A 276 3.44 11.66 8.44
CA PHE A 276 3.98 10.50 7.74
C PHE A 276 2.90 9.98 6.79
N ALA A 277 3.24 9.02 5.95
CA ALA A 277 2.30 8.52 4.96
C ALA A 277 2.12 7.01 5.03
N LEU A 278 1.01 6.53 4.46
CA LEU A 278 0.86 5.14 4.08
C LEU A 278 -0.37 5.12 3.18
N TRP A 279 -1.35 4.31 3.54
CA TRP A 279 -2.59 4.18 2.78
C TRP A 279 -3.63 3.55 3.71
N ASN A 280 -4.90 3.59 3.31
CA ASN A 280 -5.93 2.96 4.12
C ASN A 280 -6.25 1.59 3.53
N PRO A 281 -5.81 0.52 4.21
CA PRO A 281 -5.95 -0.82 3.60
C PRO A 281 -7.40 -1.17 3.36
N ALA A 282 -8.30 -0.66 4.20
CA ALA A 282 -9.72 -0.93 4.00
C ALA A 282 -10.19 -0.45 2.63
N ASP A 283 -9.64 0.67 2.16
CA ASP A 283 -10.03 1.20 0.86
C ASP A 283 -9.53 0.32 -0.27
N ILE A 284 -8.43 -0.40 -0.05
CA ILE A 284 -7.92 -1.32 -1.06
C ILE A 284 -8.95 -2.44 -1.31
N GLY A 285 -9.42 -3.05 -0.23
CA GLY A 285 -10.39 -4.12 -0.33
C GLY A 285 -11.72 -3.63 -0.86
N TYR A 286 -12.11 -2.43 -0.42
CA TYR A 286 -13.35 -1.80 -0.86
C TYR A 286 -13.29 -1.52 -2.37
N LEU A 287 -12.20 -0.90 -2.83
CA LEU A 287 -12.05 -0.62 -4.23
C LEU A 287 -12.02 -1.91 -5.05
N ALA A 288 -11.34 -2.94 -4.54
CA ALA A 288 -11.25 -4.20 -5.26
C ALA A 288 -12.63 -4.81 -5.53
N ALA A 289 -13.53 -4.74 -4.54
CA ALA A 289 -14.88 -5.27 -4.72
C ALA A 289 -15.64 -4.53 -5.83
N TYR A 290 -15.55 -3.20 -5.86
CA TYR A 290 -16.24 -2.46 -6.90
C TYR A 290 -15.65 -2.70 -8.27
N ALA A 291 -14.33 -2.83 -8.36
CA ALA A 291 -13.68 -3.10 -9.64
C ALA A 291 -14.12 -4.46 -10.17
N GLY A 292 -14.10 -5.44 -9.27
CA GLY A 292 -14.49 -6.80 -9.62
C GLY A 292 -15.93 -6.84 -10.07
N ALA A 293 -16.79 -6.14 -9.34
CA ALA A 293 -18.21 -6.10 -9.69
C ALA A 293 -18.43 -5.41 -11.02
N ALA A 294 -17.68 -4.34 -11.28
CA ALA A 294 -17.78 -3.62 -12.55
C ALA A 294 -17.37 -4.53 -13.68
N LEU A 295 -16.33 -5.33 -13.46
CA LEU A 295 -15.88 -6.27 -14.49
C LEU A 295 -16.96 -7.33 -14.78
N LYS A 296 -17.48 -7.91 -13.72
CA LYS A 296 -18.48 -8.99 -13.85
C LYS A 296 -19.80 -8.50 -14.42
N SER A 297 -20.12 -7.24 -14.17
CA SER A 297 -21.35 -6.64 -14.67
C SER A 297 -21.23 -6.07 -16.08
N GLY A 298 -20.02 -6.14 -16.64
CA GLY A 298 -19.79 -5.66 -17.99
C GLY A 298 -19.56 -4.16 -18.13
N GLN A 299 -19.38 -3.45 -17.03
CA GLN A 299 -19.16 -2.00 -17.09
C GLN A 299 -17.76 -1.64 -17.60
N ILE A 300 -16.78 -2.47 -17.26
CA ILE A 300 -15.40 -2.30 -17.68
C ILE A 300 -14.85 -3.65 -18.13
N THR A 301 -13.69 -3.61 -18.81
CA THR A 301 -13.00 -4.84 -19.22
C THR A 301 -11.57 -4.88 -18.68
N GLY A 302 -11.10 -3.74 -18.19
CA GLY A 302 -9.72 -3.62 -17.74
C GLY A 302 -8.84 -2.93 -18.76
N ALA A 303 -9.45 -2.39 -19.82
CA ALA A 303 -8.72 -1.64 -20.84
C ALA A 303 -8.40 -0.26 -20.29
N GLN A 304 -7.23 0.29 -20.64
CA GLN A 304 -6.82 1.59 -20.13
C GLN A 304 -7.79 2.69 -20.60
N GLY A 305 -8.13 3.61 -19.68
CA GLY A 305 -8.99 4.73 -19.98
C GLY A 305 -10.45 4.52 -19.64
N GLU A 306 -10.82 3.28 -19.35
CA GLU A 306 -12.19 2.96 -18.95
C GLU A 306 -12.44 3.52 -17.55
N LYS A 307 -13.67 3.98 -17.33
CA LYS A 307 -14.04 4.59 -16.04
C LYS A 307 -15.14 3.81 -15.36
N PHE A 308 -15.12 3.79 -14.04
CA PHE A 308 -16.21 3.21 -13.27
C PHE A 308 -16.35 3.87 -11.91
N LYS A 309 -17.51 3.67 -11.29
CA LYS A 309 -17.81 4.24 -10.00
C LYS A 309 -17.48 3.21 -8.94
N ALA A 310 -16.85 3.66 -7.85
CA ALA A 310 -16.51 2.78 -6.73
C ALA A 310 -17.05 3.29 -5.41
N GLY A 311 -18.37 3.46 -5.33
CA GLY A 311 -19.01 3.87 -4.10
C GLY A 311 -18.44 5.15 -3.51
N LYS A 312 -18.11 5.10 -2.23
CA LYS A 312 -17.65 6.25 -1.46
C LYS A 312 -16.32 6.79 -1.98
N LEU A 313 -15.61 5.97 -2.76
CA LEU A 313 -14.29 6.37 -3.26
C LEU A 313 -14.35 7.22 -4.53
N GLY A 314 -15.53 7.33 -5.13
CA GLY A 314 -15.73 8.16 -6.31
C GLY A 314 -15.41 7.41 -7.59
N GLU A 315 -15.01 8.16 -8.62
CA GLU A 315 -14.79 7.60 -9.96
C GLU A 315 -13.33 7.23 -10.20
N TYR A 316 -13.13 6.09 -10.85
CA TYR A 316 -11.80 5.61 -11.18
C TYR A 316 -11.60 5.48 -12.67
N THR A 317 -10.39 5.77 -13.14
CA THR A 317 -10.03 5.51 -14.53
C THR A 317 -8.96 4.43 -14.54
N VAL A 318 -9.19 3.36 -15.29
CA VAL A 318 -8.24 2.26 -15.37
C VAL A 318 -6.97 2.75 -16.07
N GLY A 319 -5.81 2.42 -15.50
CA GLY A 319 -4.55 2.83 -16.11
C GLY A 319 -3.97 1.77 -17.03
N ALA A 320 -2.70 1.89 -17.36
CA ALA A 320 -2.05 0.91 -18.24
C ALA A 320 -2.08 -0.49 -17.62
N ALA A 321 -2.28 -1.49 -18.48
CA ALA A 321 -2.22 -2.91 -18.07
C ALA A 321 -3.20 -3.28 -16.96
N GLY A 322 -4.32 -2.58 -16.90
CA GLY A 322 -5.36 -2.93 -15.94
C GLY A 322 -5.09 -2.47 -14.52
N GLU A 323 -4.09 -1.63 -14.35
CA GLU A 323 -3.77 -1.11 -13.01
C GLU A 323 -4.74 0.00 -12.63
N ILE A 324 -5.35 -0.14 -11.46
CA ILE A 324 -6.22 0.85 -10.90
C ILE A 324 -5.58 1.38 -9.62
N VAL A 325 -5.24 2.67 -9.60
CA VAL A 325 -4.49 3.23 -8.47
C VAL A 325 -5.45 3.84 -7.47
N LEU A 326 -5.39 3.38 -6.21
CA LEU A 326 -6.32 3.82 -5.19
C LEU A 326 -6.29 5.32 -5.04
N GLY A 327 -5.07 5.87 -5.01
CA GLY A 327 -4.90 7.31 -4.98
C GLY A 327 -3.50 7.64 -4.53
N PRO A 328 -3.21 8.92 -4.32
CA PRO A 328 -1.93 9.27 -3.71
C PRO A 328 -1.88 8.68 -2.30
N PRO A 329 -0.67 8.56 -1.71
CA PRO A 329 -0.56 8.07 -0.33
C PRO A 329 -1.40 8.90 0.63
N THR A 330 -1.93 8.25 1.66
CA THR A 330 -2.66 8.94 2.71
C THR A 330 -1.65 9.55 3.67
N GLU A 331 -1.86 10.81 4.03
CA GLU A 331 -1.00 11.46 5.01
C GLU A 331 -1.62 11.42 6.40
N PHE A 332 -0.83 11.01 7.37
CA PHE A 332 -1.29 10.96 8.75
C PHE A 332 -0.69 12.07 9.59
N THR A 333 -1.54 12.74 10.38
CA THR A 333 -1.14 13.81 11.29
C THR A 333 -1.93 13.67 12.58
N ALA A 334 -1.66 14.55 13.55
CA ALA A 334 -2.46 14.58 14.77
C ALA A 334 -3.93 14.88 14.47
N ALA A 335 -4.16 15.63 13.39
CA ALA A 335 -5.50 16.05 13.01
C ALA A 335 -6.39 14.88 12.57
N ASN A 336 -5.76 13.82 12.05
CA ASN A 336 -6.53 12.68 11.54
C ASN A 336 -6.08 11.29 12.00
N ILE A 337 -5.16 11.22 12.97
CA ILE A 337 -4.56 9.92 13.34
C ILE A 337 -5.51 8.94 14.05
N ASP A 338 -6.48 9.44 14.82
CA ASP A 338 -7.44 8.56 15.49
C ASP A 338 -8.54 8.07 14.55
N GLN A 339 -8.60 8.63 13.34
CA GLN A 339 -9.59 8.24 12.35
C GLN A 339 -9.25 6.86 11.78
N PHE A 340 -8.03 6.41 12.02
CA PHE A 340 -7.56 5.12 11.51
C PHE A 340 -7.15 4.20 12.65
N ASN A 341 -7.48 2.92 12.53
CA ASN A 341 -7.00 1.93 13.49
C ASN A 341 -6.44 0.69 12.82
N PHE A 342 -5.14 0.73 12.54
CA PHE A 342 -4.37 -0.39 12.05
C PHE A 342 -2.89 -0.03 12.21
C1 GOL B . -18.28 -19.08 -11.47
O1 GOL B . -18.30 -20.06 -12.48
C2 GOL B . -19.26 -17.95 -11.78
O2 GOL B . -18.97 -17.37 -13.04
C3 GOL B . -20.69 -18.46 -11.73
O3 GOL B . -21.36 -17.90 -10.61
C1 GOL C . 6.60 -0.93 4.66
O1 GOL C . 7.42 -1.46 5.68
C2 GOL C . 5.61 -2.00 4.21
O2 GOL C . 5.48 -1.97 2.81
C3 GOL C . 4.25 -1.75 4.86
O3 GOL C . 3.50 -2.96 4.91
#